data_4W65
#
_entry.id   4W65
#
_cell.length_a   45.990
_cell.length_b   57.840
_cell.length_c   89.280
_cell.angle_alpha   90.00
_cell.angle_beta   90.00
_cell.angle_gamma   90.00
#
_symmetry.space_group_name_H-M   'P 21 21 21'
#
loop_
_entity.id
_entity.type
_entity.pdbx_description
1 polymer 'Glycosyl hydrolase family protein'
2 non-polymer 'CALCIUM ION'
3 non-polymer 1,2-ETHANEDIOL
4 water water
#
_entity_poly.entity_id   1
_entity_poly.type   'polypeptide(L)'
_entity_poly.pdbx_seq_one_letter_code
;MANLDRRKMMMLSGLGVMAAALPAPHAQALPTKPQTPPVPVPSAPQAAVNYVFADEFDGPAGSSPNTSKWTIAKARETIK
DPTYWEQPGRIGQYRDDRKNAFLDGKGNLVIRATKEGDTYYGAKLASVWEGGAGHTWEARIKFNCLTAGAWPAFWLGTLG
EGELDIVEWYGNGKWPSATTVHAKSNGGEWETHNIAVDTAWHTWRTQWDANGARFWQDYTEGAKPYFEVSASQLPDWPFN
QPGYTMFVVLNLAVAGSGGEDPSGGTYPADMLVDYVRVW
;
_entity_poly.pdbx_strand_id   A
#
loop_
_chem_comp.id
_chem_comp.type
_chem_comp.name
_chem_comp.formula
CA non-polymer 'CALCIUM ION' 'Ca 2'
EDO non-polymer 1,2-ETHANEDIOL 'C2 H6 O2'
#
# COMPACT_ATOMS: atom_id res chain seq x y z
N VAL A 49 -6.79 14.33 16.09
CA VAL A 49 -7.86 15.08 16.76
C VAL A 49 -9.23 14.53 16.37
N ASN A 50 -9.86 15.16 15.39
CA ASN A 50 -11.11 14.67 14.83
C ASN A 50 -10.83 13.84 13.58
N TYR A 51 -10.81 12.52 13.73
CA TYR A 51 -10.49 11.65 12.60
C TYR A 51 -11.65 11.54 11.63
N VAL A 52 -11.35 11.64 10.34
CA VAL A 52 -12.36 11.44 9.31
C VAL A 52 -12.40 9.99 8.84
N PHE A 53 -11.33 9.25 9.09
CA PHE A 53 -11.28 7.83 8.83
C PHE A 53 -10.29 7.19 9.78
N ALA A 54 -10.63 6.04 10.33
CA ALA A 54 -9.68 5.32 11.15
C ALA A 54 -10.05 3.86 11.32
N ASP A 55 -9.03 3.02 11.40
CA ASP A 55 -9.21 1.67 11.89
C ASP A 55 -8.04 1.35 12.80
N GLU A 56 -8.35 0.93 14.03
CA GLU A 56 -7.33 0.55 14.99
C GLU A 56 -7.09 -0.95 14.98
N PHE A 57 -7.88 -1.67 14.16
CA PHE A 57 -7.71 -3.11 13.93
C PHE A 57 -7.86 -3.95 15.19
N ASP A 58 -8.81 -3.54 16.04
CA ASP A 58 -9.15 -4.30 17.23
C ASP A 58 -10.08 -5.46 16.90
N GLY A 59 -9.95 -6.55 17.65
CA GLY A 59 -10.78 -7.72 17.43
C GLY A 59 -10.01 -9.00 17.73
N PRO A 60 -10.72 -10.12 17.86
CA PRO A 60 -10.10 -11.38 18.27
C PRO A 60 -9.10 -11.91 17.24
N ALA A 61 -8.11 -12.64 17.73
CA ALA A 61 -7.12 -13.26 16.86
C ALA A 61 -7.78 -14.17 15.83
N GLY A 62 -7.42 -13.98 14.57
CA GLY A 62 -7.95 -14.81 13.51
C GLY A 62 -9.21 -14.27 12.84
N SER A 63 -9.74 -13.18 13.37
CA SER A 63 -10.96 -12.63 12.81
C SER A 63 -10.68 -11.79 11.57
N SER A 64 -11.72 -11.51 10.81
CA SER A 64 -11.59 -10.70 9.63
C SER A 64 -11.41 -9.23 9.97
N PRO A 65 -10.65 -8.50 9.15
CA PRO A 65 -10.68 -7.05 9.18
C PRO A 65 -12.12 -6.61 8.91
N ASN A 66 -12.44 -5.42 9.37
CA ASN A 66 -13.80 -4.89 9.28
C ASN A 66 -14.29 -4.78 7.83
N THR A 67 -15.20 -5.66 7.44
CA THR A 67 -15.66 -5.77 6.06
C THR A 67 -16.60 -4.65 5.64
N SER A 68 -17.11 -3.87 6.60
CA SER A 68 -17.91 -2.71 6.24
CA SER A 68 -17.91 -2.70 6.27
C SER A 68 -16.99 -1.53 5.89
N LYS A 69 -15.77 -1.56 6.39
CA LYS A 69 -14.81 -0.49 6.18
CA LYS A 69 -14.80 -0.49 6.19
C LYS A 69 -13.86 -0.78 5.01
N TRP A 70 -13.54 -2.06 4.82
CA TRP A 70 -12.55 -2.46 3.82
C TRP A 70 -13.11 -3.44 2.83
N THR A 71 -12.79 -3.23 1.56
CA THR A 71 -13.05 -4.19 0.52
C THR A 71 -11.82 -5.06 0.39
N ILE A 72 -11.98 -6.34 0.63
CA ILE A 72 -10.87 -7.28 0.58
C ILE A 72 -10.90 -7.92 -0.80
N ALA A 73 -9.82 -7.78 -1.56
CA ALA A 73 -9.79 -8.23 -2.95
C ALA A 73 -10.02 -9.74 -3.06
N LYS A 74 -10.87 -10.15 -4.00
CA LYS A 74 -11.19 -11.56 -4.19
C LYS A 74 -10.35 -12.19 -5.30
N ALA A 75 -9.67 -11.35 -6.09
CA ALA A 75 -8.76 -11.84 -7.12
C ALA A 75 -7.74 -10.77 -7.49
N ARG A 76 -6.57 -11.20 -7.96
CA ARG A 76 -5.55 -10.30 -8.47
C ARG A 76 -6.02 -9.73 -9.80
N GLU A 77 -5.63 -8.49 -10.09
CA GLU A 77 -6.01 -7.82 -11.33
C GLU A 77 -5.55 -8.61 -12.56
N THR A 78 -6.45 -8.74 -13.53
CA THR A 78 -6.10 -9.37 -14.80
C THR A 78 -5.29 -8.37 -15.61
N ILE A 79 -4.16 -8.82 -16.16
CA ILE A 79 -3.20 -7.91 -16.76
C ILE A 79 -3.07 -8.08 -18.27
N LYS A 80 -3.42 -7.02 -19.00
CA LYS A 80 -3.22 -6.99 -20.44
C LYS A 80 -1.72 -6.85 -20.72
N ASP A 81 -1.23 -7.66 -21.66
CA ASP A 81 0.18 -7.68 -22.04
C ASP A 81 1.10 -7.92 -20.85
N PRO A 82 0.97 -9.08 -20.21
CA PRO A 82 1.75 -9.33 -19.01
C PRO A 82 3.23 -9.50 -19.29
N THR A 83 4.07 -9.03 -18.36
CA THR A 83 5.46 -9.42 -18.35
C THR A 83 5.54 -10.83 -17.79
N TYR A 84 6.75 -11.39 -17.76
CA TYR A 84 6.95 -12.78 -17.40
C TYR A 84 6.29 -13.16 -16.07
N TRP A 85 6.53 -12.37 -15.03
CA TRP A 85 6.01 -12.68 -13.70
C TRP A 85 4.59 -12.17 -13.45
N GLU A 86 3.98 -11.56 -14.47
CA GLU A 86 2.57 -11.18 -14.45
C GLU A 86 1.67 -12.20 -15.14
N GLN A 87 2.25 -13.22 -15.77
CA GLN A 87 1.44 -14.23 -16.43
C GLN A 87 0.53 -14.91 -15.42
N PRO A 88 -0.68 -15.30 -15.87
CA PRO A 88 -1.65 -15.88 -14.93
C PRO A 88 -1.12 -17.06 -14.14
N GLY A 89 -0.25 -17.88 -14.71
CA GLY A 89 0.29 -19.01 -13.97
C GLY A 89 1.41 -18.71 -12.99
N ARG A 90 1.95 -17.49 -13.05
CA ARG A 90 3.08 -17.11 -12.20
C ARG A 90 2.75 -16.01 -11.22
N ILE A 91 1.75 -15.19 -11.53
CA ILE A 91 1.45 -14.04 -10.68
C ILE A 91 0.87 -14.51 -9.34
N GLY A 92 1.11 -13.74 -8.28
CA GLY A 92 0.48 -14.05 -7.01
C GLY A 92 -1.01 -13.74 -7.07
N GLN A 93 -1.79 -14.50 -6.32
CA GLN A 93 -3.23 -14.30 -6.28
C GLN A 93 -3.60 -13.46 -5.08
N TYR A 94 -4.81 -12.90 -5.12
CA TYR A 94 -5.42 -12.30 -3.95
C TYR A 94 -6.65 -13.10 -3.60
N ARG A 95 -6.96 -13.20 -2.31
CA ARG A 95 -8.21 -13.80 -1.89
C ARG A 95 -8.65 -13.23 -0.54
N ASP A 96 -9.94 -13.37 -0.26
CA ASP A 96 -10.48 -13.03 1.05
C ASP A 96 -10.51 -14.32 1.86
N ASP A 97 -9.40 -14.57 2.55
CA ASP A 97 -9.21 -15.77 3.33
C ASP A 97 -8.48 -15.35 4.58
N ARG A 98 -8.90 -15.88 5.73
CA ARG A 98 -8.27 -15.53 6.99
C ARG A 98 -6.81 -15.96 7.06
N LYS A 99 -6.37 -16.86 6.18
CA LYS A 99 -4.97 -17.24 6.15
C LYS A 99 -4.10 -16.11 5.63
N ASN A 100 -4.71 -15.16 4.92
CA ASN A 100 -3.97 -14.10 4.25
C ASN A 100 -4.30 -12.70 4.73
N ALA A 101 -5.40 -12.53 5.45
CA ALA A 101 -5.67 -11.24 6.08
C ALA A 101 -6.48 -11.52 7.31
N PHE A 102 -5.89 -11.23 8.48
CA PHE A 102 -6.54 -11.53 9.74
C PHE A 102 -6.08 -10.55 10.78
N LEU A 103 -6.90 -10.34 11.80
CA LEU A 103 -6.47 -9.54 12.94
C LEU A 103 -5.73 -10.45 13.92
N ASP A 104 -4.73 -9.91 14.61
CA ASP A 104 -3.93 -10.76 15.49
C ASP A 104 -4.42 -10.85 16.93
N GLY A 105 -5.47 -10.10 17.28
CA GLY A 105 -5.99 -10.13 18.64
C GLY A 105 -5.25 -9.21 19.58
N LYS A 106 -4.30 -8.47 19.02
CA LYS A 106 -3.49 -7.55 19.80
C LYS A 106 -3.50 -6.17 19.15
N GLY A 107 -4.49 -5.94 18.29
CA GLY A 107 -4.68 -4.64 17.68
C GLY A 107 -3.94 -4.42 16.38
N ASN A 108 -3.49 -5.51 15.73
CA ASN A 108 -2.85 -5.38 14.43
C ASN A 108 -3.58 -6.16 13.36
N LEU A 109 -3.66 -5.56 12.19
CA LEU A 109 -3.99 -6.30 10.98
C LEU A 109 -2.74 -7.04 10.53
N VAL A 110 -2.89 -8.30 10.14
CA VAL A 110 -1.79 -9.02 9.49
C VAL A 110 -2.22 -9.32 8.06
N ILE A 111 -1.47 -8.80 7.10
CA ILE A 111 -1.63 -9.15 5.70
C ILE A 111 -0.51 -10.12 5.42
N ARG A 112 -0.86 -11.32 4.95
CA ARG A 112 0.11 -12.41 4.90
C ARG A 112 0.11 -13.05 3.54
N ALA A 113 1.31 -13.25 3.02
CA ALA A 113 1.51 -14.02 1.80
C ALA A 113 1.85 -15.46 2.15
N THR A 114 1.20 -16.41 1.48
CA THR A 114 1.44 -17.82 1.73
C THR A 114 1.62 -18.58 0.42
N LYS A 115 2.17 -19.77 0.52
CA LYS A 115 2.28 -20.65 -0.62
C LYS A 115 1.40 -21.87 -0.38
N GLU A 116 0.53 -22.19 -1.34
CA GLU A 116 -0.28 -23.40 -1.28
C GLU A 116 -0.14 -24.10 -2.61
N GLY A 117 0.36 -25.33 -2.59
CA GLY A 117 0.65 -26.03 -3.81
C GLY A 117 1.71 -25.24 -4.55
N ASP A 118 1.42 -24.88 -5.79
CA ASP A 118 2.35 -24.11 -6.60
C ASP A 118 1.92 -22.66 -6.74
N THR A 119 0.92 -22.25 -5.96
CA THR A 119 0.33 -20.93 -6.09
C THR A 119 0.65 -20.11 -4.85
N TYR A 120 0.97 -18.83 -5.02
CA TYR A 120 1.15 -17.93 -3.90
C TYR A 120 -0.07 -17.02 -3.75
N TYR A 121 -0.47 -16.79 -2.51
CA TYR A 121 -1.61 -15.92 -2.21
C TYR A 121 -1.19 -14.78 -1.32
N GLY A 122 -1.72 -13.60 -1.60
CA GLY A 122 -1.57 -12.44 -0.74
C GLY A 122 -2.95 -11.85 -0.53
N ALA A 123 -2.99 -10.60 -0.09
CA ALA A 123 -4.26 -9.93 0.14
C ALA A 123 -4.14 -8.42 -0.07
N LYS A 124 -5.29 -7.79 -0.35
CA LYS A 124 -5.36 -6.35 -0.59
C LYS A 124 -6.62 -5.83 0.06
N LEU A 125 -6.48 -4.78 0.87
CA LEU A 125 -7.61 -4.10 1.47
C LEU A 125 -7.68 -2.68 0.93
N ALA A 126 -8.85 -2.28 0.47
CA ALA A 126 -9.07 -0.91 0.01
C ALA A 126 -10.22 -0.30 0.77
N SER A 127 -10.05 0.91 1.29
CA SER A 127 -11.14 1.50 2.06
C SER A 127 -12.31 1.82 1.15
N VAL A 128 -13.52 1.63 1.66
CA VAL A 128 -14.71 2.09 0.96
C VAL A 128 -14.77 3.63 1.00
N TRP A 129 -14.44 4.19 2.17
CA TRP A 129 -14.35 5.63 2.37
C TRP A 129 -13.26 6.25 1.50
N GLU A 130 -13.51 7.47 1.02
CA GLU A 130 -12.51 8.24 0.29
C GLU A 130 -12.41 9.64 0.87
N GLY A 131 -11.20 10.19 0.84
CA GLY A 131 -10.95 11.51 1.37
C GLY A 131 -10.36 12.43 0.32
N GLY A 132 -10.65 13.71 0.42
CA GLY A 132 -10.14 14.69 -0.52
C GLY A 132 -8.93 15.45 0.00
N ALA A 133 -8.68 16.60 -0.61
CA ALA A 133 -7.52 17.43 -0.27
C ALA A 133 -7.59 17.98 1.14
N GLY A 134 -6.41 18.18 1.74
CA GLY A 134 -6.30 18.89 2.99
C GLY A 134 -6.29 18.00 4.23
N HIS A 135 -6.06 16.70 4.04
CA HIS A 135 -5.99 15.81 5.19
C HIS A 135 -4.58 15.30 5.38
N THR A 136 -4.35 14.74 6.56
CA THR A 136 -3.13 14.02 6.89
C THR A 136 -3.51 12.55 7.07
N TRP A 137 -2.70 11.65 6.52
CA TRP A 137 -3.05 10.24 6.46
C TRP A 137 -1.84 9.48 6.99
N GLU A 138 -2.05 8.58 7.96
CA GLU A 138 -0.92 7.86 8.54
C GLU A 138 -1.26 6.42 8.84
N ALA A 139 -0.31 5.52 8.60
CA ALA A 139 -0.43 4.15 9.07
C ALA A 139 0.83 3.79 9.83
N ARG A 140 0.68 2.95 10.86
CA ARG A 140 1.83 2.44 11.59
C ARG A 140 1.99 0.98 11.14
N ILE A 141 3.14 0.67 10.56
CA ILE A 141 3.31 -0.59 9.84
C ILE A 141 4.65 -1.22 10.22
N LYS A 142 4.68 -2.55 10.30
CA LYS A 142 5.92 -3.30 10.42
C LYS A 142 5.99 -4.29 9.28
N PHE A 143 6.99 -4.15 8.42
CA PHE A 143 7.14 -5.07 7.30
C PHE A 143 8.04 -6.24 7.71
N ASN A 144 7.43 -7.40 7.91
CA ASN A 144 8.19 -8.63 8.14
C ASN A 144 8.12 -9.54 6.93
N CYS A 145 8.03 -8.93 5.76
CA CYS A 145 7.79 -9.65 4.52
C CYS A 145 8.78 -9.22 3.45
N LEU A 146 9.98 -8.82 3.87
CA LEU A 146 10.96 -8.25 2.95
C LEU A 146 11.78 -9.38 2.38
N THR A 147 11.14 -10.12 1.48
CA THR A 147 11.68 -11.36 0.99
C THR A 147 11.45 -11.47 -0.52
N ALA A 148 12.21 -12.36 -1.16
CA ALA A 148 12.10 -12.56 -2.61
C ALA A 148 10.65 -12.85 -2.98
N GLY A 149 10.15 -12.12 -3.98
CA GLY A 149 8.80 -12.35 -4.49
C GLY A 149 7.76 -11.44 -3.89
N ALA A 150 8.03 -10.90 -2.72
CA ALA A 150 7.03 -10.11 -2.00
C ALA A 150 6.96 -8.67 -2.50
N TRP A 151 5.77 -8.09 -2.40
CA TRP A 151 5.56 -6.73 -2.88
C TRP A 151 4.50 -6.03 -2.02
N PRO A 152 4.89 -5.56 -0.83
CA PRO A 152 3.99 -4.84 0.07
C PRO A 152 3.89 -3.37 -0.31
N ALA A 153 2.74 -2.78 0.01
CA ALA A 153 2.54 -1.37 -0.28
C ALA A 153 1.47 -0.74 0.61
N PHE A 154 1.66 0.56 0.87
CA PHE A 154 0.67 1.40 1.52
C PHE A 154 0.53 2.58 0.59
N TRP A 155 -0.67 2.80 0.07
CA TRP A 155 -0.87 3.84 -0.93
C TRP A 155 -2.27 4.40 -0.91
N LEU A 156 -2.42 5.57 -1.51
CA LEU A 156 -3.74 6.15 -1.75
C LEU A 156 -4.02 6.04 -3.24
N GLY A 157 -5.21 5.55 -3.57
CA GLY A 157 -5.54 5.29 -4.96
C GLY A 157 -6.82 5.95 -5.40
N THR A 158 -7.03 5.95 -6.72
CA THR A 158 -8.27 6.41 -7.34
C THR A 158 -8.48 5.51 -8.55
N LEU A 159 -9.70 5.45 -9.05
CA LEU A 159 -9.95 4.79 -10.32
C LEU A 159 -9.64 5.76 -11.46
N GLY A 160 -9.54 7.04 -11.12
CA GLY A 160 -9.19 8.05 -12.10
C GLY A 160 -7.68 8.20 -12.24
N GLU A 161 -7.25 9.42 -12.54
CA GLU A 161 -5.83 9.68 -12.72
C GLU A 161 -5.19 10.07 -11.39
N GLY A 162 -4.09 9.40 -11.06
CA GLY A 162 -3.30 9.79 -9.91
C GLY A 162 -3.20 8.74 -8.84
N GLU A 163 -2.09 8.78 -8.11
CA GLU A 163 -1.83 7.80 -7.08
C GLU A 163 -0.73 8.33 -6.18
N LEU A 164 -0.82 8.04 -4.89
CA LEU A 164 0.24 8.40 -3.95
C LEU A 164 0.73 7.13 -3.29
N ASP A 165 1.88 6.65 -3.74
CA ASP A 165 2.46 5.45 -3.18
C ASP A 165 3.34 5.88 -2.02
N ILE A 166 2.84 5.64 -0.81
CA ILE A 166 3.49 6.16 0.38
C ILE A 166 4.71 5.32 0.71
N VAL A 167 4.56 4.01 0.69
CA VAL A 167 5.70 3.12 0.81
C VAL A 167 5.45 1.88 -0.03
N GLU A 168 6.43 1.53 -0.86
CA GLU A 168 6.39 0.35 -1.69
C GLU A 168 7.74 -0.33 -1.62
N TRP A 169 7.74 -1.64 -1.43
CA TRP A 169 8.99 -2.41 -1.42
C TRP A 169 8.88 -3.50 -2.46
N TYR A 170 9.96 -3.73 -3.19
CA TYR A 170 9.96 -4.66 -4.30
C TYR A 170 10.84 -5.87 -4.07
N GLY A 171 10.23 -7.05 -4.07
CA GLY A 171 10.95 -8.29 -3.86
C GLY A 171 11.60 -8.84 -5.10
N ASN A 172 11.58 -8.08 -6.20
CA ASN A 172 12.15 -8.56 -7.45
C ASN A 172 13.68 -8.51 -7.54
N GLY A 173 14.32 -7.90 -6.54
CA GLY A 173 15.76 -7.74 -6.57
C GLY A 173 16.28 -6.79 -7.65
N LYS A 174 15.42 -5.92 -8.15
CA LYS A 174 15.80 -5.00 -9.22
C LYS A 174 15.46 -3.54 -8.90
N TRP A 175 14.33 -3.31 -8.24
CA TRP A 175 13.83 -1.95 -8.09
C TRP A 175 14.00 -1.43 -6.68
N PRO A 176 14.50 -0.19 -6.54
CA PRO A 176 14.62 0.43 -5.22
C PRO A 176 13.26 0.68 -4.59
N SER A 177 13.16 0.46 -3.29
CA SER A 177 11.91 0.79 -2.62
C SER A 177 11.71 2.31 -2.67
N ALA A 178 10.47 2.74 -2.70
CA ALA A 178 10.22 4.13 -3.06
C ALA A 178 8.88 4.66 -2.56
N THR A 179 8.84 5.97 -2.44
CA THR A 179 7.63 6.75 -2.29
C THR A 179 7.45 7.46 -3.64
N THR A 180 6.24 7.42 -4.19
CA THR A 180 6.03 7.97 -5.53
C THR A 180 4.73 8.74 -5.64
N VAL A 181 4.81 9.89 -6.28
CA VAL A 181 3.63 10.68 -6.63
C VAL A 181 3.40 10.49 -8.12
N HIS A 182 2.27 9.85 -8.47
CA HIS A 182 1.90 9.65 -9.88
C HIS A 182 0.82 10.63 -10.27
N ALA A 183 1.01 11.31 -11.39
CA ALA A 183 -0.01 12.19 -11.92
C ALA A 183 -0.96 11.45 -12.86
N LYS A 184 -0.46 10.40 -13.51
CA LYS A 184 -1.20 9.72 -14.56
C LYS A 184 -1.36 8.22 -14.30
N SER A 185 -2.49 7.67 -14.74
CA SER A 185 -2.77 6.25 -14.56
C SER A 185 -1.89 5.34 -15.42
N ASN A 186 -1.39 5.87 -16.54
CA ASN A 186 -0.52 5.08 -17.41
C ASN A 186 0.88 4.89 -16.84
N GLY A 187 1.16 5.55 -15.72
CA GLY A 187 2.46 5.46 -15.07
C GLY A 187 3.51 6.29 -15.77
N GLY A 188 3.07 7.24 -16.59
CA GLY A 188 3.96 8.01 -17.44
C GLY A 188 4.41 9.36 -16.93
N GLU A 189 3.97 9.76 -15.73
CA GLU A 189 4.36 11.06 -15.19
C GLU A 189 4.36 11.06 -13.68
N TRP A 190 5.56 11.13 -13.10
CA TRP A 190 5.72 10.94 -11.67
C TRP A 190 6.94 11.64 -11.11
N GLU A 191 6.97 11.71 -9.78
CA GLU A 191 8.16 12.08 -9.03
C GLU A 191 8.32 11.00 -7.99
N THR A 192 9.54 10.50 -7.82
CA THR A 192 9.76 9.39 -6.92
C THR A 192 10.95 9.70 -6.00
N HIS A 193 10.95 9.04 -4.85
CA HIS A 193 12.01 9.24 -3.87
C HIS A 193 12.32 7.88 -3.26
N ASN A 194 13.57 7.46 -3.38
CA ASN A 194 13.94 6.17 -2.83
C ASN A 194 13.99 6.25 -1.31
N ILE A 195 13.44 5.23 -0.67
CA ILE A 195 13.44 5.09 0.78
C ILE A 195 14.07 3.76 1.11
N ALA A 196 14.55 3.61 2.34
CA ALA A 196 15.04 2.31 2.79
C ALA A 196 14.04 1.75 3.78
N VAL A 197 13.71 0.47 3.64
CA VAL A 197 12.74 -0.17 4.49
C VAL A 197 13.42 -1.27 5.29
N ASP A 198 13.32 -1.16 6.62
CA ASP A 198 13.79 -2.23 7.50
C ASP A 198 12.59 -3.00 8.04
N THR A 199 12.81 -3.88 9.02
CA THR A 199 11.73 -4.70 9.55
C THR A 199 11.20 -4.19 10.89
N ALA A 200 11.50 -2.94 11.23
CA ALA A 200 11.04 -2.36 12.48
C ALA A 200 9.71 -1.64 12.29
N TRP A 201 9.04 -1.31 13.40
CA TRP A 201 7.82 -0.50 13.33
C TRP A 201 8.15 0.92 12.88
N HIS A 202 7.33 1.46 11.98
CA HIS A 202 7.41 2.89 11.64
C HIS A 202 6.03 3.45 11.41
N THR A 203 5.88 4.76 11.55
CA THR A 203 4.71 5.43 10.99
C THR A 203 5.08 6.00 9.63
N TRP A 204 4.12 5.95 8.72
CA TRP A 204 4.25 6.47 7.39
C TRP A 204 3.11 7.43 7.19
N ARG A 205 3.44 8.70 6.91
CA ARG A 205 2.46 9.76 6.89
C ARG A 205 2.56 10.55 5.59
N THR A 206 1.41 10.87 5.01
CA THR A 206 1.38 11.84 3.92
C THR A 206 0.34 12.92 4.21
N GLN A 207 0.63 14.13 3.75
CA GLN A 207 -0.34 15.20 3.73
C GLN A 207 -0.38 15.69 2.29
N TRP A 208 -1.58 15.80 1.71
CA TRP A 208 -1.67 16.28 0.33
C TRP A 208 -2.87 17.19 0.17
N ASP A 209 -2.72 18.17 -0.71
CA ASP A 209 -3.81 19.06 -1.07
C ASP A 209 -3.64 19.52 -2.51
N ALA A 210 -4.35 20.57 -2.88
CA ALA A 210 -4.31 21.05 -4.26
C ALA A 210 -2.92 21.50 -4.66
N ASN A 211 -2.08 21.87 -3.70
CA ASN A 211 -0.81 22.51 -4.00
C ASN A 211 0.40 21.60 -3.93
N GLY A 212 0.29 20.48 -3.23
CA GLY A 212 1.43 19.60 -3.11
C GLY A 212 1.17 18.39 -2.25
N ALA A 213 2.19 17.54 -2.14
CA ALA A 213 2.14 16.36 -1.30
C ALA A 213 3.45 16.23 -0.56
N ARG A 214 3.38 15.79 0.70
CA ARG A 214 4.52 15.68 1.60
CA ARG A 214 4.59 15.58 1.46
C ARG A 214 4.48 14.33 2.33
N PHE A 215 5.65 13.81 2.68
CA PHE A 215 5.75 12.50 3.30
C PHE A 215 6.73 12.52 4.46
N TRP A 216 6.37 11.81 5.53
CA TRP A 216 7.24 11.61 6.70
C TRP A 216 7.25 10.16 7.12
N GLN A 217 8.42 9.72 7.57
CA GLN A 217 8.58 8.46 8.28
C GLN A 217 8.85 8.81 9.74
N ASP A 218 8.11 8.19 10.65
CA ASP A 218 8.26 8.42 12.08
C ASP A 218 8.17 9.91 12.44
N TYR A 219 7.13 10.55 11.92
CA TYR A 219 6.85 11.96 12.18
C TYR A 219 6.96 12.31 13.66
N THR A 220 7.66 13.40 13.94
CA THR A 220 7.59 14.06 15.23
C THR A 220 7.33 15.53 14.96
N GLU A 221 6.79 16.26 15.94
CA GLU A 221 6.42 17.66 15.73
C GLU A 221 7.58 18.49 15.22
N GLY A 222 7.38 19.14 14.07
CA GLY A 222 8.38 20.01 13.49
C GLY A 222 9.38 19.36 12.53
N ALA A 223 9.24 18.06 12.30
CA ALA A 223 10.17 17.36 11.41
C ALA A 223 9.95 17.78 9.97
N LYS A 224 11.04 17.95 9.23
CA LYS A 224 10.93 18.21 7.80
C LYS A 224 10.58 16.91 7.06
N PRO A 225 9.63 16.98 6.12
CA PRO A 225 9.29 15.77 5.37
C PRO A 225 10.51 15.26 4.61
N TYR A 226 10.59 13.95 4.40
CA TYR A 226 11.71 13.41 3.63
C TYR A 226 11.51 13.61 2.13
N PHE A 227 10.28 13.90 1.70
CA PHE A 227 9.96 14.04 0.28
C PHE A 227 8.77 14.97 0.16
N GLU A 228 8.88 15.93 -0.74
CA GLU A 228 7.79 16.86 -1.00
C GLU A 228 7.72 17.11 -2.49
N VAL A 229 6.49 17.12 -3.02
CA VAL A 229 6.28 17.42 -4.43
C VAL A 229 5.27 18.54 -4.55
N SER A 230 5.61 19.58 -5.32
CA SER A 230 4.69 20.69 -5.54
CA SER A 230 4.68 20.67 -5.53
C SER A 230 3.94 20.48 -6.85
N ALA A 231 2.75 21.06 -6.95
CA ALA A 231 1.95 20.94 -8.16
C ALA A 231 2.72 21.34 -9.40
N SER A 232 3.58 22.35 -9.27
CA SER A 232 4.35 22.85 -10.40
C SER A 232 5.30 21.82 -11.03
N GLN A 233 5.58 20.74 -10.32
CA GLN A 233 6.54 19.75 -10.79
C GLN A 233 5.97 18.80 -11.83
N LEU A 234 4.65 18.63 -11.84
CA LEU A 234 3.99 17.66 -12.70
C LEU A 234 2.94 18.35 -13.56
N PRO A 235 3.18 18.44 -14.87
CA PRO A 235 2.25 19.13 -15.77
C PRO A 235 0.80 18.65 -15.63
N ASP A 236 0.59 17.37 -15.40
CA ASP A 236 -0.76 16.82 -15.36
C ASP A 236 -1.24 16.54 -13.94
N TRP A 237 -0.65 17.26 -12.98
CA TRP A 237 -1.05 17.22 -11.57
C TRP A 237 -2.58 17.14 -11.39
N PRO A 238 -3.06 16.02 -10.83
CA PRO A 238 -4.52 15.83 -10.74
C PRO A 238 -5.13 16.23 -9.40
N PHE A 239 -4.30 16.49 -8.41
CA PHE A 239 -4.78 16.55 -7.04
C PHE A 239 -5.52 17.83 -6.69
N ASN A 240 -5.49 18.80 -7.62
CA ASN A 240 -6.23 20.04 -7.45
C ASN A 240 -7.61 20.02 -8.09
N GLN A 241 -8.02 18.87 -8.63
CA GLN A 241 -9.34 18.78 -9.28
C GLN A 241 -10.48 18.88 -8.27
N PRO A 242 -11.55 19.58 -8.65
CA PRO A 242 -12.71 19.66 -7.76
C PRO A 242 -13.27 18.29 -7.42
N GLY A 243 -13.47 18.03 -6.13
CA GLY A 243 -14.09 16.79 -5.68
C GLY A 243 -13.18 15.57 -5.73
N TYR A 244 -11.90 15.79 -5.99
CA TYR A 244 -10.95 14.68 -6.11
C TYR A 244 -10.79 13.97 -4.77
N THR A 245 -11.07 12.67 -4.74
CA THR A 245 -10.92 11.89 -3.51
C THR A 245 -10.16 10.61 -3.76
N MET A 246 -9.58 10.06 -2.68
CA MET A 246 -8.74 8.87 -2.78
C MET A 246 -9.10 7.88 -1.67
N PHE A 247 -8.99 6.60 -1.98
CA PHE A 247 -9.16 5.56 -0.96
C PHE A 247 -7.79 5.08 -0.47
N VAL A 248 -7.79 4.48 0.71
CA VAL A 248 -6.59 3.91 1.31
C VAL A 248 -6.41 2.46 0.87
N VAL A 249 -5.20 2.09 0.47
CA VAL A 249 -4.90 0.69 0.16
C VAL A 249 -3.74 0.17 1.00
N LEU A 250 -3.93 -1.01 1.56
CA LEU A 250 -2.87 -1.77 2.20
C LEU A 250 -2.84 -3.12 1.52
N ASN A 251 -1.69 -3.53 1.00
CA ASN A 251 -1.65 -4.82 0.30
C ASN A 251 -0.28 -5.47 0.38
N LEU A 252 -0.31 -6.79 0.25
CA LEU A 252 0.91 -7.57 0.10
C LEU A 252 0.66 -8.52 -1.05
N ALA A 253 1.32 -8.24 -2.16
CA ALA A 253 1.24 -9.05 -3.35
C ALA A 253 2.47 -9.95 -3.45
N VAL A 254 2.35 -10.98 -4.28
CA VAL A 254 3.48 -11.84 -4.63
C VAL A 254 3.66 -11.83 -6.13
N ALA A 255 4.93 -11.87 -6.56
CA ALA A 255 5.28 -11.89 -7.97
C ALA A 255 4.72 -10.66 -8.69
N GLY A 256 4.28 -10.80 -9.93
CA GLY A 256 4.05 -9.61 -10.74
C GLY A 256 5.37 -8.94 -11.04
N SER A 257 5.32 -7.75 -11.63
CA SER A 257 6.55 -7.06 -12.02
CA SER A 257 6.56 -7.07 -12.02
C SER A 257 7.38 -6.62 -10.82
N GLY A 258 6.70 -6.22 -9.75
CA GLY A 258 7.37 -5.72 -8.56
C GLY A 258 7.98 -6.81 -7.69
N GLY A 259 7.33 -7.96 -7.65
CA GLY A 259 7.78 -9.06 -6.81
C GLY A 259 8.68 -10.05 -7.51
N GLU A 260 8.39 -10.34 -8.78
CA GLU A 260 9.03 -11.41 -9.54
C GLU A 260 9.12 -12.73 -8.75
N ASP A 261 10.27 -13.41 -8.83
CA ASP A 261 10.33 -14.82 -8.42
C ASP A 261 10.35 -15.00 -6.91
N PRO A 262 9.36 -15.71 -6.33
CA PRO A 262 9.37 -15.96 -4.88
C PRO A 262 10.20 -17.16 -4.44
N SER A 263 10.81 -17.90 -5.37
CA SER A 263 11.60 -19.09 -5.03
CA SER A 263 11.58 -19.10 -5.02
C SER A 263 12.66 -18.79 -3.98
N GLY A 264 12.73 -19.61 -2.93
CA GLY A 264 13.74 -19.43 -1.90
C GLY A 264 13.43 -18.36 -0.87
N GLY A 265 12.29 -17.69 -1.03
CA GLY A 265 11.88 -16.66 -0.09
C GLY A 265 11.37 -17.23 1.22
N THR A 266 11.03 -16.35 2.13
CA THR A 266 10.51 -16.77 3.42
C THR A 266 9.00 -16.57 3.40
N TYR A 267 8.26 -17.69 3.37
CA TYR A 267 6.80 -17.67 3.43
C TYR A 267 6.36 -18.62 4.55
N PRO A 268 5.35 -18.23 5.32
CA PRO A 268 4.53 -17.01 5.23
C PRO A 268 5.30 -15.72 5.44
N ALA A 269 4.89 -14.69 4.71
CA ALA A 269 5.51 -13.38 4.76
C ALA A 269 4.48 -12.39 5.28
N ASP A 270 4.81 -11.65 6.33
CA ASP A 270 3.82 -10.85 7.06
C ASP A 270 4.05 -9.35 7.00
N MET A 271 2.96 -8.62 6.77
CA MET A 271 2.92 -7.17 6.88
C MET A 271 1.95 -6.83 8.00
N LEU A 272 2.42 -6.14 9.04
CA LEU A 272 1.60 -5.85 10.20
C LEU A 272 1.20 -4.39 10.19
N VAL A 273 -0.07 -4.11 10.45
CA VAL A 273 -0.54 -2.73 10.48
C VAL A 273 -1.28 -2.50 11.78
N ASP A 274 -0.78 -1.57 12.58
CA ASP A 274 -1.36 -1.24 13.87
C ASP A 274 -2.61 -0.34 13.74
N TYR A 275 -2.54 0.61 12.84
CA TYR A 275 -3.68 1.49 12.59
C TYR A 275 -3.52 2.19 11.24
N VAL A 276 -4.63 2.71 10.74
CA VAL A 276 -4.68 3.72 9.70
C VAL A 276 -5.55 4.84 10.26
N ARG A 277 -5.07 6.08 10.15
CA ARG A 277 -5.81 7.24 10.65
C ARG A 277 -5.72 8.37 9.65
N VAL A 278 -6.83 9.07 9.43
CA VAL A 278 -6.84 10.23 8.56
C VAL A 278 -7.57 11.36 9.28
N TRP A 279 -6.99 12.57 9.26
CA TRP A 279 -7.59 13.71 9.96
C TRP A 279 -7.26 15.00 9.26
CA CA B . -4.06 -1.13 16.66
C1 EDO C . 1.07 -0.62 -5.05
O1 EDO C . 2.02 -1.56 -5.58
C2 EDO C . 0.55 0.25 -6.17
O2 EDO C . -0.19 -0.56 -7.09
C1 EDO D . 9.77 10.80 -14.51
O1 EDO D . 10.06 11.87 -13.61
C2 EDO D . 8.92 11.29 -15.68
O2 EDO D . 7.67 11.82 -15.17
C1 EDO E . -3.33 -0.63 19.03
O1 EDO E . -2.83 -1.94 18.76
C2 EDO E . -4.71 -0.76 19.67
O2 EDO E . -5.61 -1.33 18.71
C1 EDO F . -5.32 22.96 2.46
O1 EDO F . -4.50 21.86 2.88
C2 EDO F . -6.79 22.53 2.41
O2 EDO F . -7.03 21.73 1.25
#